data_4FVG
#
_entry.id   4FVG
#
_cell.length_a   84.489
_cell.length_b   84.489
_cell.length_c   68.937
_cell.angle_alpha   90.00
_cell.angle_beta   90.00
_cell.angle_gamma   120.00
#
_symmetry.space_group_name_H-M   'P 64 2 2'
#
loop_
_entity.id
_entity.type
_entity.pdbx_description
1 polymer Stomatin
2 non-polymer 'CADMIUM ION'
3 water water
#
_entity_poly.entity_id   1
_entity_poly.type   'polypeptide(L)'
_entity_poly.pdbx_seq_one_letter_code
;GPLGSPSTDSAAKVDMRTISFDIPPQEVLTKDSVTISVDGVVYYRVQNATLAVANITNADSATRLLAQTTLRNALGTKNL
SQILSDREEIAHHMQSTLDDATDDWGIKVERVEIKDVKLPVQLQRAMAAEAEA
;
_entity_poly.pdbx_strand_id   A
#
loop_
_chem_comp.id
_chem_comp.type
_chem_comp.name
_chem_comp.formula
CD non-polymer 'CADMIUM ION' 'Cd 2'
#
# COMPACT_ATOMS: atom_id res chain seq x y z
N VAL A 14 4.85 -12.58 19.47
CA VAL A 14 4.40 -11.62 18.40
C VAL A 14 4.06 -10.15 18.84
N ASP A 15 4.88 -9.21 18.37
CA ASP A 15 4.76 -7.78 18.70
C ASP A 15 3.38 -7.23 18.30
N MET A 16 2.67 -6.66 19.28
CA MET A 16 1.34 -6.08 19.07
C MET A 16 1.37 -4.57 18.85
N ARG A 17 2.55 -3.98 18.99
CA ARG A 17 2.72 -2.58 18.65
C ARG A 17 2.59 -2.27 17.15
N THR A 18 2.27 -1.01 16.85
CA THR A 18 2.28 -0.54 15.45
C THR A 18 3.65 -0.79 14.86
N ILE A 19 3.64 -1.27 13.63
CA ILE A 19 4.82 -1.57 12.84
C ILE A 19 4.74 -0.77 11.57
N SER A 20 5.87 -0.22 11.10
CA SER A 20 5.84 0.48 9.81
C SER A 20 6.91 -0.01 8.87
N PHE A 21 6.64 0.16 7.56
CA PHE A 21 7.62 -0.12 6.52
C PHE A 21 7.44 0.85 5.40
N ASP A 22 8.54 1.08 4.70
CA ASP A 22 8.48 1.83 3.43
C ASP A 22 8.15 0.85 2.32
N ILE A 23 7.20 1.21 1.49
CA ILE A 23 6.94 0.44 0.29
C ILE A 23 8.09 0.82 -0.69
N PRO A 24 8.88 -0.19 -1.18
CA PRO A 24 9.94 0.21 -2.08
C PRO A 24 9.29 0.72 -3.39
N PRO A 25 9.94 1.70 -4.05
CA PRO A 25 9.36 2.37 -5.21
C PRO A 25 8.93 1.37 -6.29
N GLN A 26 7.73 1.59 -6.83
CA GLN A 26 7.07 0.72 -7.75
C GLN A 26 6.99 1.50 -9.08
N GLU A 27 7.63 0.99 -10.14
CA GLU A 27 7.55 1.74 -11.44
C GLU A 27 6.37 1.13 -12.15
N VAL A 28 5.36 1.96 -12.52
CA VAL A 28 4.18 1.45 -13.32
C VAL A 28 3.68 2.54 -14.24
N LEU A 29 2.79 2.11 -15.12
CA LEU A 29 2.17 3.03 -16.11
C LEU A 29 0.88 3.59 -15.50
N THR A 30 0.63 4.89 -15.63
CA THR A 30 -0.66 5.50 -15.21
C THR A 30 -1.68 5.09 -16.32
N LYS A 31 -2.96 5.42 -16.11
CA LYS A 31 -4.00 5.04 -17.05
C LYS A 31 -3.69 5.55 -18.44
N ASP A 32 -3.16 6.76 -18.45
CA ASP A 32 -2.73 7.43 -19.66
C ASP A 32 -1.23 7.29 -19.98
N SER A 33 -0.69 6.14 -19.60
CA SER A 33 0.61 5.63 -20.07
C SER A 33 1.82 6.49 -19.75
N VAL A 34 1.81 7.17 -18.59
CA VAL A 34 3.00 7.91 -18.11
C VAL A 34 3.71 6.93 -17.15
N THR A 35 5.04 6.88 -17.23
CA THR A 35 5.79 6.00 -16.30
C THR A 35 5.99 6.76 -15.02
N ILE A 36 5.53 6.20 -13.90
CA ILE A 36 5.81 6.86 -12.62
C ILE A 36 6.34 5.86 -11.63
N SER A 37 7.08 6.40 -10.63
CA SER A 37 7.54 5.56 -9.58
C SER A 37 7.10 6.25 -8.30
N VAL A 38 6.42 5.54 -7.40
CA VAL A 38 5.91 6.15 -6.21
C VAL A 38 6.31 5.28 -4.99
N ASP A 39 6.73 5.95 -3.98
CA ASP A 39 6.98 5.26 -2.74
C ASP A 39 5.99 5.71 -1.66
N GLY A 40 5.99 4.97 -0.58
CA GLY A 40 4.99 5.27 0.41
C GLY A 40 5.35 4.54 1.66
N VAL A 41 4.48 4.67 2.63
CA VAL A 41 4.75 4.08 3.98
C VAL A 41 3.45 3.47 4.49
N VAL A 42 3.57 2.33 5.17
CA VAL A 42 2.38 1.66 5.75
C VAL A 42 2.64 1.50 7.25
N TYR A 43 1.63 1.79 8.07
CA TYR A 43 1.62 1.56 9.54
C TYR A 43 0.50 0.51 9.73
N TYR A 44 0.83 -0.57 10.40
CA TYR A 44 -0.19 -1.57 10.69
C TYR A 44 0.07 -2.18 12.09
N ARG A 45 -0.89 -2.92 12.60
N ARG A 45 -0.91 -2.90 12.61
CA ARG A 45 -0.69 -3.64 13.88
CA ARG A 45 -0.77 -3.64 13.89
C ARG A 45 -1.42 -4.97 13.78
C ARG A 45 -1.37 -5.02 13.68
N VAL A 46 -0.84 -5.98 14.42
CA VAL A 46 -1.48 -7.29 14.56
C VAL A 46 -2.60 -7.16 15.55
N GLN A 47 -3.84 -7.36 15.10
CA GLN A 47 -5.05 -7.31 15.98
C GLN A 47 -5.39 -8.69 16.38
N ASN A 48 -5.10 -9.66 15.51
CA ASN A 48 -5.29 -11.07 15.86
C ASN A 48 -4.02 -11.93 15.65
N ALA A 49 -3.29 -12.12 16.74
CA ALA A 49 -1.97 -12.77 16.66
C ALA A 49 -1.96 -14.27 16.20
N THR A 50 -3.08 -14.98 16.35
CA THR A 50 -3.17 -16.39 15.94
C THR A 50 -3.33 -16.44 14.43
N LEU A 51 -4.22 -15.59 13.92
CA LEU A 51 -4.41 -15.46 12.47
C LEU A 51 -3.14 -14.96 11.78
N ALA A 52 -2.42 -14.00 12.41
CA ALA A 52 -1.10 -13.52 11.91
C ALA A 52 -0.04 -14.64 11.70
N VAL A 53 -0.05 -15.65 12.56
CA VAL A 53 0.84 -16.80 12.39
C VAL A 53 0.18 -18.03 11.72
N ALA A 54 -1.08 -17.95 11.32
CA ALA A 54 -1.75 -19.17 10.80
C ALA A 54 -1.44 -19.45 9.33
N ASN A 55 -1.04 -18.41 8.58
CA ASN A 55 -0.95 -18.54 7.13
C ASN A 55 0.42 -19.04 6.64
N ILE A 56 0.48 -19.56 5.41
CA ILE A 56 1.72 -20.02 4.75
C ILE A 56 2.72 -18.85 4.60
N THR A 57 2.24 -17.68 4.22
CA THR A 57 3.05 -16.48 4.18
C THR A 57 2.93 -15.74 5.54
N ASN A 58 4.06 -15.33 6.11
CA ASN A 58 3.89 -14.55 7.33
C ASN A 58 3.21 -13.22 7.13
N ALA A 59 2.76 -12.62 8.23
CA ALA A 59 1.87 -11.47 8.09
C ALA A 59 2.61 -10.21 7.62
N ASP A 60 3.81 -9.95 8.13
CA ASP A 60 4.52 -8.75 7.70
C ASP A 60 4.85 -8.85 6.20
N SER A 61 5.30 -10.02 5.75
CA SER A 61 5.67 -10.19 4.35
C SER A 61 4.46 -10.09 3.46
N ALA A 62 3.33 -10.66 3.90
CA ALA A 62 2.09 -10.58 3.12
C ALA A 62 1.60 -9.09 3.01
N THR A 63 1.70 -8.36 4.10
CA THR A 63 1.26 -6.96 4.11
C THR A 63 2.12 -6.14 3.15
N ARG A 64 3.42 -6.40 3.19
CA ARG A 64 4.37 -5.68 2.29
C ARG A 64 4.02 -5.99 0.84
N LEU A 65 3.77 -7.27 0.51
CA LEU A 65 3.49 -7.66 -0.89
C LEU A 65 2.15 -7.09 -1.31
N LEU A 66 1.12 -7.18 -0.43
CA LEU A 66 -0.16 -6.65 -0.78
C LEU A 66 -0.14 -5.13 -0.88
N ALA A 67 0.69 -4.44 -0.08
CA ALA A 67 0.78 -2.99 -0.15
C ALA A 67 1.30 -2.59 -1.60
N GLN A 68 2.28 -3.31 -2.06
CA GLN A 68 2.83 -3.06 -3.44
C GLN A 68 1.69 -3.26 -4.48
N THR A 69 1.03 -4.34 -4.41
CA THR A 69 -0.08 -4.65 -5.34
C THR A 69 -1.17 -3.58 -5.23
N THR A 70 -1.58 -3.19 -4.02
CA THR A 70 -2.62 -2.18 -3.88
C THR A 70 -2.19 -0.85 -4.49
N LEU A 71 -0.93 -0.47 -4.27
CA LEU A 71 -0.45 0.82 -4.76
C LEU A 71 -0.42 0.75 -6.26
N ARG A 72 0.17 -0.33 -6.79
CA ARG A 72 0.29 -0.44 -8.29
C ARG A 72 -1.08 -0.37 -8.91
N ASN A 73 -2.05 -1.09 -8.35
CA ASN A 73 -3.40 -1.06 -8.93
C ASN A 73 -4.08 0.28 -8.85
N ALA A 74 -3.92 0.98 -7.71
CA ALA A 74 -4.54 2.28 -7.51
C ALA A 74 -3.96 3.27 -8.59
N LEU A 75 -2.66 3.17 -8.82
CA LEU A 75 -2.03 4.09 -9.77
C LEU A 75 -2.49 3.76 -11.21
N GLY A 76 -2.59 2.48 -11.52
CA GLY A 76 -2.79 1.99 -12.90
C GLY A 76 -4.23 2.33 -13.36
N THR A 77 -5.12 2.63 -12.44
CA THR A 77 -6.51 3.01 -12.81
C THR A 77 -6.70 4.50 -12.93
N LYS A 78 -5.66 5.27 -12.66
CA LYS A 78 -5.75 6.72 -12.69
C LYS A 78 -4.85 7.35 -13.78
N ASN A 79 -5.38 8.36 -14.48
N ASN A 79 -5.37 8.34 -14.51
CA ASN A 79 -4.54 9.26 -15.34
CA ASN A 79 -4.50 9.16 -15.40
C ASN A 79 -3.57 10.07 -14.41
C ASN A 79 -3.60 10.07 -14.48
N LEU A 80 -2.38 10.41 -14.91
CA LEU A 80 -1.40 11.23 -14.10
C LEU A 80 -2.01 12.40 -13.35
N SER A 81 -2.87 13.15 -14.06
CA SER A 81 -3.48 14.28 -13.39
C SER A 81 -4.34 13.81 -12.21
N GLN A 82 -5.09 12.70 -12.37
CA GLN A 82 -5.99 12.24 -11.26
C GLN A 82 -5.11 11.84 -10.04
N ILE A 83 -3.87 11.40 -10.29
CA ILE A 83 -2.95 10.98 -9.23
C ILE A 83 -2.34 12.17 -8.53
N LEU A 84 -2.00 13.21 -9.26
CA LEU A 84 -1.29 14.38 -8.64
C LEU A 84 -2.15 15.24 -7.72
N SER A 85 -3.40 15.42 -8.10
CA SER A 85 -4.24 16.34 -7.32
C SER A 85 -4.85 15.64 -6.10
N ASP A 86 -4.81 14.30 -6.07
CA ASP A 86 -5.64 13.50 -5.14
C ASP A 86 -4.73 12.56 -4.36
N ARG A 87 -3.48 12.96 -4.13
CA ARG A 87 -2.47 12.09 -3.44
C ARG A 87 -2.94 11.62 -2.03
N GLU A 88 -3.52 12.52 -1.25
CA GLU A 88 -4.08 12.14 0.06
C GLU A 88 -5.26 11.11 0.01
N GLU A 89 -6.17 11.31 -0.96
CA GLU A 89 -7.38 10.46 -1.14
C GLU A 89 -6.92 9.09 -1.63
N ILE A 90 -5.91 9.05 -2.50
CA ILE A 90 -5.42 7.75 -2.95
C ILE A 90 -4.87 6.95 -1.78
N ALA A 91 -4.10 7.64 -0.93
CA ALA A 91 -3.69 6.98 0.36
C ALA A 91 -4.84 6.44 1.22
N HIS A 92 -5.86 7.26 1.43
N HIS A 92 -5.89 7.29 1.40
CA HIS A 92 -6.91 6.85 2.30
CA HIS A 92 -7.17 7.04 2.20
C HIS A 92 -7.61 5.64 1.63
C HIS A 92 -7.80 5.78 1.65
N HIS A 93 -7.85 5.71 0.31
CA HIS A 93 -8.56 4.57 -0.30
C HIS A 93 -7.72 3.29 -0.29
N MET A 94 -6.41 3.50 -0.43
N MET A 94 -6.41 3.50 -0.44
CA MET A 94 -5.51 2.35 -0.31
CA MET A 94 -5.45 2.37 -0.29
C MET A 94 -5.48 1.78 1.10
C MET A 94 -5.51 1.77 1.10
N GLN A 95 -5.59 2.63 2.12
CA GLN A 95 -5.68 2.17 3.49
C GLN A 95 -6.87 1.21 3.64
N SER A 96 -8.01 1.58 3.06
CA SER A 96 -9.21 0.69 3.07
C SER A 96 -9.02 -0.63 2.33
N THR A 97 -8.54 -0.51 1.12
CA THR A 97 -8.31 -1.72 0.25
C THR A 97 -7.29 -2.67 0.91
N LEU A 98 -6.18 -2.07 1.41
CA LEU A 98 -5.17 -2.90 2.08
C LEU A 98 -5.69 -3.44 3.39
N ASP A 99 -6.49 -2.63 4.15
CA ASP A 99 -7.05 -3.21 5.40
C ASP A 99 -7.95 -4.40 5.05
N ASP A 100 -8.77 -4.31 4.00
CA ASP A 100 -9.59 -5.51 3.70
C ASP A 100 -8.71 -6.73 3.32
N ALA A 101 -7.67 -6.48 2.54
CA ALA A 101 -6.85 -7.54 1.92
C ALA A 101 -6.02 -8.26 3.01
N THR A 102 -5.81 -7.62 4.17
CA THR A 102 -4.95 -8.17 5.23
C THR A 102 -5.77 -8.79 6.37
N ASP A 103 -7.11 -8.73 6.28
CA ASP A 103 -7.91 -9.26 7.37
C ASP A 103 -7.68 -10.75 7.61
N ASP A 104 -7.30 -11.49 6.55
CA ASP A 104 -6.99 -12.91 6.66
C ASP A 104 -5.77 -13.23 7.53
N TRP A 105 -4.91 -12.23 7.72
CA TRP A 105 -3.72 -12.35 8.59
C TRP A 105 -3.95 -11.70 9.95
N GLY A 106 -5.16 -11.22 10.19
CA GLY A 106 -5.50 -10.58 11.46
C GLY A 106 -4.76 -9.25 11.68
N ILE A 107 -4.52 -8.56 10.56
CA ILE A 107 -3.81 -7.30 10.51
C ILE A 107 -4.81 -6.16 10.41
N LYS A 108 -4.60 -5.11 11.18
CA LYS A 108 -5.34 -3.89 11.01
C LYS A 108 -4.39 -2.87 10.40
N VAL A 109 -4.71 -2.43 9.20
CA VAL A 109 -3.85 -1.36 8.64
C VAL A 109 -4.31 -0.02 9.26
N GLU A 110 -3.36 0.73 9.77
CA GLU A 110 -3.71 1.91 10.50
C GLU A 110 -3.55 3.21 9.72
N ARG A 111 -2.60 3.22 8.79
CA ARG A 111 -2.33 4.44 8.06
C ARG A 111 -1.51 4.05 6.82
N VAL A 112 -1.83 4.69 5.71
CA VAL A 112 -0.94 4.61 4.52
C VAL A 112 -0.59 6.04 4.10
N GLU A 113 0.68 6.26 3.72
CA GLU A 113 1.10 7.56 3.23
C GLU A 113 1.70 7.37 1.88
N ILE A 114 1.33 8.27 0.96
CA ILE A 114 2.02 8.30 -0.38
C ILE A 114 3.04 9.48 -0.35
N LYS A 115 4.29 9.28 -0.77
CA LYS A 115 5.31 10.34 -0.67
C LYS A 115 5.60 10.91 -2.04
N ASP A 116 6.87 10.91 -2.42
CA ASP A 116 7.23 11.58 -3.68
C ASP A 116 6.83 10.72 -4.88
N VAL A 117 6.43 11.41 -5.96
CA VAL A 117 6.10 10.78 -7.23
C VAL A 117 7.33 11.16 -8.11
N LYS A 118 7.94 10.14 -8.71
CA LYS A 118 9.05 10.39 -9.61
C LYS A 118 8.54 10.02 -11.01
N LEU A 119 8.93 10.79 -12.01
CA LEU A 119 8.71 10.52 -13.42
C LEU A 119 10.09 10.26 -13.98
N PRO A 120 10.53 8.97 -14.01
CA PRO A 120 11.92 8.70 -14.37
C PRO A 120 12.16 8.88 -15.84
N VAL A 121 13.36 9.31 -16.24
CA VAL A 121 13.65 9.50 -17.67
C VAL A 121 13.76 8.17 -18.44
N GLN A 122 13.37 8.16 -19.74
CA GLN A 122 13.50 6.96 -20.66
C GLN A 122 14.70 6.04 -20.36
CD CD B . -11.86 9.77 0.42
CD CD C . -9.88 11.03 3.10
#